data_6TWC
#
_entry.id   6TWC
#
_cell.length_a   76.162
_cell.length_b   76.162
_cell.length_c   117.078
_cell.angle_alpha   90.000
_cell.angle_beta   90.000
_cell.angle_gamma   120.000
#
_symmetry.space_group_name_H-M   'P 32 2 1'
#
loop_
_entity.id
_entity.type
_entity.pdbx_description
1 polymer 'Coagulation factor XI'
2 polymer 'Coagulation factor XI'
3 polymer 'Double Bridged Peptide F21'
4 non-polymer ACETONE
#
loop_
_entity_poly.entity_id
_entity_poly.type
_entity_poly.pdbx_seq_one_letter_code
_entity_poly.pdbx_strand_id
1 'polypeptide(L)'
;IVGGTASVRGEWPWQVTLHTTSPTQRHLCGGSIIGNQWILTAAHCFYGVESPKILRVYSGILNQSEIKEDTSFFGVQEII
IHDQYKMAESGYDIALLKLETTVGYGDSQRPICLPSKGDRNVIYTDCWVTGWGYRKLRDKIQNTLQKAKIPLVTNEECQK
RYRGHKITHKMICAGYREGGKDACKGDSGGPLSCKHNEVWHLVGITSWGEGCAQRERPGVYTNVVEYVDWILEKTQAVHH
HHHH
;
A
2 'polypeptide(L)' MDDDDKMDNECTTKIKPR H
3 'polypeptide(L)' TCVNIMCCRCP(LTN) C
#
loop_
_chem_comp.id
_chem_comp.type
_chem_comp.name
_chem_comp.formula
ACN non-polymer ACETONE 'C3 H6 O'
LTN non-polymer L-TRYPTOPHANAMIDE 'C11 H13 N3 O'
#
# COMPACT_ATOMS: atom_id res chain seq x y z
N ILE A 1 -4.76 10.64 -3.01
CA ILE A 1 -6.01 10.34 -2.35
C ILE A 1 -7.11 11.31 -2.78
N VAL A 2 -8.21 10.79 -3.33
CA VAL A 2 -9.31 11.63 -3.79
C VAL A 2 -10.34 11.76 -2.67
N GLY A 3 -10.73 13.00 -2.38
CA GLY A 3 -11.71 13.24 -1.34
C GLY A 3 -11.24 12.89 0.06
N GLY A 4 -10.00 13.24 0.40
CA GLY A 4 -9.46 12.94 1.71
C GLY A 4 -9.06 14.17 2.51
N THR A 5 -8.66 13.90 3.75
CA THR A 5 -8.18 14.96 4.65
C THR A 5 -6.77 14.64 5.13
N ALA A 6 -6.19 15.63 5.81
CA ALA A 6 -4.80 15.56 6.23
C ALA A 6 -4.63 14.67 7.44
N SER A 7 -3.56 13.90 7.46
CA SER A 7 -3.23 13.12 8.64
C SER A 7 -2.40 13.96 9.59
N VAL A 8 -2.31 13.50 10.81
CA VAL A 8 -1.48 14.15 11.81
C VAL A 8 -0.26 13.28 12.06
N ARG A 9 0.82 13.91 12.48
CA ARG A 9 2.01 13.17 12.84
C ARG A 9 1.65 12.08 13.85
N GLY A 10 2.13 10.87 13.60
CA GLY A 10 1.82 9.73 14.44
C GLY A 10 0.56 8.97 14.06
N GLU A 11 -0.24 9.46 13.13
CA GLU A 11 -1.52 8.80 12.87
C GLU A 11 -1.35 7.49 12.09
N TRP A 12 -0.36 7.39 11.19
CA TRP A 12 -0.17 6.18 10.39
C TRP A 12 1.28 5.71 10.47
N PRO A 13 1.80 5.49 11.68
CA PRO A 13 3.24 5.27 11.83
C PRO A 13 3.81 4.17 10.94
N TRP A 14 2.94 3.29 10.39
CA TRP A 14 3.44 2.23 9.52
C TRP A 14 3.56 2.65 8.06
N GLN A 15 3.03 3.80 7.69
CA GLN A 15 3.10 4.30 6.33
C GLN A 15 4.51 4.79 6.02
N VAL A 16 5.12 4.28 4.98
CA VAL A 16 6.39 4.81 4.50
C VAL A 16 6.14 5.50 3.18
N THR A 17 7.12 6.29 2.76
CA THR A 17 7.17 6.82 1.42
C THR A 17 8.39 6.21 0.73
N LEU A 18 8.17 5.65 -0.44
CA LEU A 18 9.21 4.97 -1.19
C LEU A 18 9.68 5.86 -2.33
N HIS A 19 10.95 6.23 -2.31
CA HIS A 19 11.50 7.08 -3.36
C HIS A 19 12.40 6.28 -4.30
N THR A 20 12.47 6.73 -5.55
CA THR A 20 13.52 6.33 -6.46
C THR A 20 14.45 7.51 -6.70
N THR A 21 15.70 7.22 -7.09
CA THR A 21 16.68 8.29 -7.27
C THR A 21 17.05 8.59 -8.72
N SER A 22 16.71 7.72 -9.69
CA SER A 22 17.13 7.96 -11.06
C SER A 22 15.96 7.90 -12.03
N PRO A 23 15.85 8.88 -12.96
CA PRO A 23 16.76 10.01 -13.16
C PRO A 23 16.73 11.04 -12.03
N THR A 24 15.53 11.36 -11.57
CA THR A 24 15.29 12.28 -10.48
C THR A 24 15.04 11.49 -9.19
N GLN A 25 15.05 12.19 -8.05
CA GLN A 25 14.51 11.64 -6.82
C GLN A 25 13.06 12.09 -6.71
N ARG A 26 12.15 11.12 -6.75
CA ARG A 26 10.73 11.41 -6.67
C ARG A 26 10.06 10.39 -5.77
N HIS A 27 8.85 10.71 -5.30
CA HIS A 27 8.03 9.73 -4.63
C HIS A 27 7.46 8.75 -5.66
N LEU A 28 7.54 7.47 -5.33
CA LEU A 28 7.11 6.42 -6.23
C LEU A 28 5.85 5.72 -5.72
N CYS A 29 5.88 5.19 -4.51
CA CYS A 29 4.80 4.36 -4.00
C CYS A 29 4.68 4.48 -2.48
N GLY A 30 3.52 4.06 -1.97
CA GLY A 30 3.40 3.76 -0.56
C GLY A 30 3.95 2.38 -0.19
N GLY A 31 3.84 2.08 1.10
CA GLY A 31 4.33 0.81 1.64
C GLY A 31 4.13 0.82 3.15
N SER A 32 4.20 -0.38 3.73
CA SER A 32 3.89 -0.52 5.14
C SER A 32 4.97 -1.31 5.86
N ILE A 33 5.51 -0.70 6.94
CA ILE A 33 6.40 -1.40 7.87
C ILE A 33 5.61 -2.55 8.47
N ILE A 34 6.18 -3.76 8.39
CA ILE A 34 5.49 -4.93 8.93
C ILE A 34 6.42 -5.70 9.84
N GLY A 35 7.68 -5.29 9.87
CA GLY A 35 8.70 -5.87 10.73
C GLY A 35 9.88 -4.92 10.70
N ASN A 36 10.88 -5.22 11.55
CA ASN A 36 11.94 -4.24 11.78
C ASN A 36 12.93 -4.11 10.62
N GLN A 37 12.80 -4.91 9.55
CA GLN A 37 13.60 -4.66 8.35
C GLN A 37 12.79 -4.91 7.07
N TRP A 38 11.46 -4.91 7.16
CA TRP A 38 10.59 -5.42 6.12
C TRP A 38 9.51 -4.41 5.77
N ILE A 39 9.49 -3.96 4.52
CA ILE A 39 8.43 -3.11 3.98
C ILE A 39 7.56 -3.98 3.06
N LEU A 40 6.24 -3.89 3.22
CA LEU A 40 5.32 -4.60 2.33
C LEU A 40 4.64 -3.62 1.38
N THR A 41 4.85 -3.80 0.08
CA THR A 41 4.34 -2.85 -0.90
C THR A 41 3.81 -3.62 -2.11
N ALA A 42 3.69 -2.97 -3.26
CA ALA A 42 3.12 -3.62 -4.46
C ALA A 42 4.20 -4.02 -5.46
N ALA A 43 3.96 -5.15 -6.15
CA ALA A 43 4.88 -5.61 -7.19
C ALA A 43 5.05 -4.58 -8.30
N HIS A 44 3.93 -3.99 -8.74
CA HIS A 44 3.98 -3.07 -9.87
C HIS A 44 4.87 -1.85 -9.63
N CYS A 45 5.19 -1.51 -8.38
CA CYS A 45 6.04 -0.35 -8.09
C CYS A 45 7.43 -0.45 -8.70
N PHE A 46 7.82 -1.62 -9.20
CA PHE A 46 9.21 -1.83 -9.58
C PHE A 46 9.40 -2.15 -11.07
N TYR A 47 8.37 -1.98 -11.90
CA TYR A 47 8.55 -1.96 -13.35
C TYR A 47 9.69 -1.02 -13.72
N GLY A 48 10.67 -1.54 -14.46
CA GLY A 48 11.82 -0.75 -14.83
C GLY A 48 12.69 -0.25 -13.67
N VAL A 49 12.45 -0.76 -12.46
CA VAL A 49 13.39 -0.61 -11.36
C VAL A 49 14.21 -1.90 -11.34
N GLU A 50 15.45 -1.84 -11.81
CA GLU A 50 16.23 -3.06 -11.87
C GLU A 50 17.41 -3.06 -10.92
N SER A 51 17.40 -2.19 -9.92
CA SER A 51 18.43 -2.28 -8.92
C SER A 51 17.93 -1.66 -7.62
N PRO A 52 18.00 -2.37 -6.50
CA PRO A 52 17.61 -1.79 -5.22
C PRO A 52 18.46 -0.61 -4.80
N LYS A 53 19.64 -0.43 -5.40
CA LYS A 53 20.52 0.66 -4.99
C LYS A 53 19.92 2.04 -5.27
N ILE A 54 18.87 2.13 -6.08
CA ILE A 54 18.28 3.41 -6.41
C ILE A 54 17.05 3.71 -5.57
N LEU A 55 16.76 2.90 -4.56
CA LEU A 55 15.56 3.07 -3.74
C LEU A 55 15.91 3.67 -2.38
N ARG A 56 15.12 4.64 -1.96
CA ARG A 56 15.15 5.16 -0.59
C ARG A 56 13.79 5.00 0.06
N VAL A 57 13.78 4.42 1.27
CA VAL A 57 12.58 4.27 2.08
C VAL A 57 12.66 5.29 3.21
N TYR A 58 11.63 6.14 3.30
CA TYR A 58 11.56 7.18 4.32
C TYR A 58 10.41 6.89 5.28
N SER A 59 10.75 6.74 6.56
CA SER A 59 9.83 6.45 7.65
C SER A 59 9.62 7.69 8.52
N GLY A 60 8.52 7.69 9.26
CA GLY A 60 8.21 8.82 10.13
C GLY A 60 7.90 10.12 9.43
N ILE A 61 7.53 10.08 8.16
CA ILE A 61 7.29 11.28 7.38
C ILE A 61 5.82 11.64 7.45
N LEU A 62 5.53 12.91 7.74
CA LEU A 62 4.21 13.48 7.54
C LEU A 62 4.14 14.26 6.24
N ASN A 63 5.10 15.16 6.02
CA ASN A 63 5.12 16.03 4.86
C ASN A 63 6.19 15.56 3.90
N GLN A 64 5.80 15.40 2.64
CA GLN A 64 6.77 15.14 1.59
C GLN A 64 7.86 16.20 1.63
N SER A 65 7.57 17.37 2.21
CA SER A 65 8.61 18.38 2.47
C SER A 65 9.78 17.75 3.22
N GLU A 66 9.78 17.82 4.55
CA GLU A 66 10.68 17.16 5.51
C GLU A 66 11.97 16.53 4.99
N ILE A 67 12.01 16.05 3.76
CA ILE A 67 13.19 15.38 3.21
C ILE A 67 14.00 16.36 2.37
N LYS A 68 15.30 16.43 2.63
CA LYS A 68 16.31 16.61 1.58
C LYS A 68 17.67 16.34 2.22
N GLU A 69 18.72 16.70 1.48
CA GLU A 69 19.81 15.76 1.23
C GLU A 69 20.35 15.09 2.49
N ASP A 70 20.24 15.72 3.66
CA ASP A 70 20.78 15.09 4.87
C ASP A 70 19.73 14.34 5.71
N THR A 71 18.49 14.24 5.24
CA THR A 71 17.48 13.46 5.95
C THR A 71 17.82 11.98 5.92
N SER A 72 17.61 11.30 7.04
CA SER A 72 17.89 9.88 7.16
C SER A 72 16.96 9.06 6.26
N PHE A 73 17.45 7.90 5.83
CA PHE A 73 16.61 6.95 5.10
C PHE A 73 17.12 5.54 5.31
N PHE A 74 16.33 4.57 4.86
CA PHE A 74 16.70 3.17 4.88
C PHE A 74 17.00 2.70 3.46
N GLY A 75 18.17 2.11 3.27
CA GLY A 75 18.49 1.51 2.01
C GLY A 75 17.80 0.16 1.87
N VAL A 76 17.54 -0.21 0.63
CA VAL A 76 16.81 -1.44 0.31
C VAL A 76 17.84 -2.48 -0.13
N GLN A 77 18.00 -3.52 0.68
CA GLN A 77 18.98 -4.54 0.32
C GLN A 77 18.44 -5.48 -0.76
N GLU A 78 17.16 -5.84 -0.71
CA GLU A 78 16.63 -6.86 -1.60
C GLU A 78 15.19 -6.56 -1.97
N ILE A 79 14.86 -6.76 -3.25
CA ILE A 79 13.51 -6.61 -3.75
C ILE A 79 12.95 -7.99 -3.96
N ILE A 80 11.83 -8.30 -3.31
CA ILE A 80 11.19 -9.61 -3.42
C ILE A 80 9.82 -9.43 -4.03
N ILE A 81 9.68 -9.84 -5.33
CA ILE A 81 8.42 -9.82 -6.06
C ILE A 81 7.80 -11.19 -5.93
N HIS A 82 6.48 -11.26 -5.86
CA HIS A 82 5.82 -12.56 -5.93
C HIS A 82 6.14 -13.20 -7.26
N ASP A 83 6.51 -14.50 -7.24
CA ASP A 83 7.02 -15.13 -8.45
C ASP A 83 5.98 -15.25 -9.55
N GLN A 84 4.69 -15.25 -9.22
CA GLN A 84 3.65 -15.37 -10.22
C GLN A 84 3.14 -14.02 -10.73
N TYR A 85 3.72 -12.90 -10.30
CA TYR A 85 3.18 -11.60 -10.69
C TYR A 85 3.52 -11.28 -12.15
N LYS A 86 2.50 -10.89 -12.94
CA LYS A 86 2.72 -10.29 -14.25
C LYS A 86 2.25 -8.84 -14.28
N MET A 87 0.99 -8.59 -13.96
CA MET A 87 0.54 -7.21 -13.89
C MET A 87 -0.51 -7.10 -12.79
N ALA A 88 -0.63 -5.87 -12.27
CA ALA A 88 -1.61 -5.52 -11.26
C ALA A 88 -2.95 -6.21 -11.48
N GLU A 89 -3.63 -5.85 -12.59
CA GLU A 89 -4.95 -6.41 -12.89
C GLU A 89 -4.99 -7.92 -12.78
N SER A 90 -3.84 -8.59 -12.94
CA SER A 90 -3.81 -10.04 -12.98
C SER A 90 -3.62 -10.68 -11.62
N GLY A 91 -3.37 -9.89 -10.57
CA GLY A 91 -3.21 -10.39 -9.23
C GLY A 91 -1.76 -10.55 -8.81
N TYR A 92 -1.58 -11.16 -7.64
CA TYR A 92 -0.27 -11.38 -7.04
C TYR A 92 0.53 -10.09 -6.86
N ASP A 93 -0.15 -8.95 -6.78
CA ASP A 93 0.51 -7.65 -6.71
C ASP A 93 1.08 -7.45 -5.29
N ILE A 94 2.18 -8.14 -4.99
CA ILE A 94 2.73 -8.08 -3.63
C ILE A 94 4.24 -8.20 -3.70
N ALA A 95 4.92 -7.38 -2.90
CA ALA A 95 6.37 -7.35 -2.88
C ALA A 95 6.88 -6.92 -1.50
N LEU A 96 8.05 -7.45 -1.13
CA LEU A 96 8.71 -7.13 0.13
C LEU A 96 10.03 -6.43 -0.13
N LEU A 97 10.30 -5.39 0.63
CA LEU A 97 11.63 -4.80 0.71
C LEU A 97 12.32 -5.30 1.99
N LYS A 98 13.44 -5.99 1.83
CA LYS A 98 14.35 -6.26 2.94
C LYS A 98 15.32 -5.11 3.03
N LEU A 99 15.21 -4.32 4.10
CA LEU A 99 16.05 -3.16 4.27
C LEU A 99 17.45 -3.57 4.70
N GLU A 100 18.40 -2.66 4.49
CA GLU A 100 19.76 -2.90 4.94
C GLU A 100 19.88 -2.67 6.45
N THR A 101 19.40 -1.52 6.91
CA THR A 101 19.38 -1.11 8.30
C THR A 101 18.17 -1.71 9.02
N THR A 102 18.17 -1.63 10.34
CA THR A 102 17.02 -2.04 11.15
C THR A 102 16.22 -0.82 11.56
N VAL A 103 14.91 -0.89 11.38
CA VAL A 103 14.04 0.22 11.76
C VAL A 103 13.86 0.23 13.27
N GLY A 104 14.21 1.35 13.89
CA GLY A 104 13.86 1.57 15.30
C GLY A 104 12.42 2.08 15.42
N TYR A 105 11.66 1.46 16.31
CA TYR A 105 10.25 1.82 16.46
C TYR A 105 10.09 3.01 17.42
N GLY A 106 8.98 3.72 17.26
CA GLY A 106 8.72 4.89 18.06
C GLY A 106 7.33 5.42 17.78
N ASP A 107 7.11 6.68 18.12
CA ASP A 107 5.77 7.24 17.95
C ASP A 107 5.52 7.69 16.53
N SER A 108 6.56 7.98 15.77
CA SER A 108 6.38 8.31 14.35
C SER A 108 6.62 7.12 13.41
N GLN A 109 6.92 5.92 13.92
CA GLN A 109 7.13 4.77 13.04
C GLN A 109 7.03 3.46 13.83
N ARG A 110 5.97 2.69 13.59
CA ARG A 110 5.76 1.38 14.20
CA ARG A 110 5.84 1.36 14.17
C ARG A 110 5.21 0.44 13.11
N PRO A 111 5.34 -0.87 13.31
CA PRO A 111 4.75 -1.81 12.34
C PRO A 111 3.26 -1.95 12.53
N ILE A 112 2.60 -2.39 11.45
CA ILE A 112 1.18 -2.74 11.47
C ILE A 112 1.06 -4.25 11.41
N CYS A 113 0.09 -4.80 12.13
CA CYS A 113 -0.08 -6.24 12.19
C CYS A 113 -0.68 -6.74 10.89
N LEU A 114 -0.22 -7.92 10.44
CA LEU A 114 -0.92 -8.59 9.36
C LEU A 114 -2.15 -9.31 9.90
N PRO A 115 -3.12 -9.63 9.04
CA PRO A 115 -4.28 -10.39 9.51
C PRO A 115 -3.90 -11.82 9.87
N SER A 116 -4.76 -12.45 10.66
CA SER A 116 -4.59 -13.85 11.07
C SER A 116 -5.46 -14.74 10.19
N LYS A 117 -4.86 -15.81 9.64
CA LYS A 117 -5.59 -16.65 8.68
C LYS A 117 -6.93 -17.12 9.26
N GLY A 118 -6.99 -17.30 10.58
CA GLY A 118 -8.24 -17.54 11.26
C GLY A 118 -8.95 -16.28 11.71
N ASP A 119 -8.99 -15.24 10.86
CA ASP A 119 -9.85 -14.09 11.09
C ASP A 119 -10.39 -13.50 9.78
N ARG A 120 -10.43 -14.28 8.69
CA ARG A 120 -11.19 -13.84 7.52
C ARG A 120 -12.69 -13.88 7.77
N ASN A 121 -13.12 -14.43 8.91
CA ASN A 121 -14.49 -14.33 9.39
C ASN A 121 -14.77 -13.01 10.10
N VAL A 122 -13.78 -12.12 10.22
CA VAL A 122 -14.03 -10.76 10.68
C VAL A 122 -14.51 -9.91 9.52
N ILE A 123 -15.61 -9.21 9.70
CA ILE A 123 -16.02 -8.19 8.75
C ILE A 123 -15.60 -6.84 9.32
N TYR A 124 -14.73 -6.15 8.59
CA TYR A 124 -14.10 -4.94 9.09
C TYR A 124 -14.98 -3.74 8.74
N THR A 125 -15.24 -2.88 9.74
CA THR A 125 -16.14 -1.75 9.60
C THR A 125 -15.41 -0.43 9.41
N ASP A 126 -14.12 -0.37 9.78
CA ASP A 126 -13.38 0.88 10.00
C ASP A 126 -12.06 0.81 9.23
N CYS A 127 -12.12 1.09 7.93
CA CYS A 127 -10.97 0.96 7.04
C CYS A 127 -10.62 2.30 6.41
N TRP A 128 -9.32 2.57 6.35
CA TRP A 128 -8.82 3.78 5.73
C TRP A 128 -7.77 3.43 4.68
N VAL A 129 -7.63 4.31 3.68
CA VAL A 129 -6.52 4.24 2.75
C VAL A 129 -5.75 5.56 2.83
N THR A 130 -4.43 5.48 2.81
CA THR A 130 -3.56 6.62 3.03
C THR A 130 -2.60 6.78 1.88
N GLY A 131 -2.09 7.99 1.69
CA GLY A 131 -1.10 8.20 0.65
C GLY A 131 -0.77 9.65 0.33
N TRP A 132 0.36 9.87 -0.36
CA TRP A 132 0.71 11.18 -0.88
C TRP A 132 0.22 11.40 -2.31
N GLY A 133 -0.72 10.58 -2.80
CA GLY A 133 -1.10 10.59 -4.20
C GLY A 133 -2.02 11.73 -4.59
N TYR A 134 -2.41 11.72 -5.86
CA TYR A 134 -3.23 12.77 -6.44
C TYR A 134 -4.58 12.88 -5.72
N ARG A 135 -5.06 14.12 -5.55
CA ARG A 135 -6.40 14.36 -5.02
C ARG A 135 -7.47 14.23 -6.07
N LYS A 136 -7.08 14.38 -7.34
CA LYS A 136 -7.94 14.22 -8.50
C LYS A 136 -7.08 13.64 -9.62
N LEU A 137 -7.70 13.24 -10.71
CA LEU A 137 -6.88 12.94 -11.88
C LEU A 137 -6.28 14.23 -12.40
N ARG A 138 -5.11 14.13 -13.02
CA ARG A 138 -4.38 15.30 -13.53
C ARG A 138 -4.02 16.26 -12.38
N ASP A 139 -3.40 15.71 -11.34
CA ASP A 139 -2.92 16.51 -10.22
C ASP A 139 -1.40 16.37 -10.10
N LYS A 140 -0.84 16.54 -8.90
CA LYS A 140 0.55 16.19 -8.65
C LYS A 140 0.61 15.60 -7.25
N ILE A 141 1.81 15.15 -6.85
CA ILE A 141 2.03 14.56 -5.54
C ILE A 141 1.77 15.58 -4.45
N GLN A 142 1.09 15.13 -3.40
CA GLN A 142 0.73 15.95 -2.24
C GLN A 142 1.90 16.15 -1.29
N ASN A 143 1.93 17.33 -0.67
CA ASN A 143 2.91 17.55 0.39
C ASN A 143 2.58 16.71 1.62
N THR A 144 1.35 16.76 2.09
CA THR A 144 0.97 16.12 3.36
C THR A 144 0.21 14.83 3.10
N LEU A 145 0.64 13.75 3.76
CA LEU A 145 -0.03 12.46 3.72
C LEU A 145 -1.53 12.63 3.95
N GLN A 146 -2.33 12.07 3.04
CA GLN A 146 -3.78 12.17 3.13
C GLN A 146 -4.37 10.88 3.66
N LYS A 147 -5.59 10.99 4.18
CA LYS A 147 -6.36 9.83 4.62
C LYS A 147 -7.77 9.92 4.08
N ALA A 148 -8.41 8.76 3.95
CA ALA A 148 -9.79 8.65 3.51
C ALA A 148 -10.34 7.33 4.04
N LYS A 149 -11.47 7.42 4.73
CA LYS A 149 -12.18 6.23 5.18
C LYS A 149 -13.04 5.68 4.05
N ILE A 150 -13.00 4.37 3.86
CA ILE A 150 -13.60 3.72 2.70
C ILE A 150 -14.28 2.44 3.14
N PRO A 151 -15.49 2.11 2.62
CA PRO A 151 -16.13 0.83 2.99
C PRO A 151 -15.72 -0.31 2.09
N LEU A 152 -15.36 -1.44 2.69
CA LEU A 152 -15.21 -2.67 1.91
C LEU A 152 -16.53 -2.99 1.20
N VAL A 153 -16.41 -3.54 -0.01
CA VAL A 153 -17.51 -4.21 -0.66
C VAL A 153 -17.19 -5.69 -0.76
N THR A 154 -18.23 -6.50 -0.90
CA THR A 154 -18.01 -7.93 -1.07
C THR A 154 -17.42 -8.20 -2.45
N ASN A 155 -16.65 -9.29 -2.54
CA ASN A 155 -16.05 -9.64 -3.81
C ASN A 155 -17.10 -10.00 -4.85
N GLU A 156 -18.26 -10.47 -4.40
CA GLU A 156 -19.37 -10.70 -5.33
C GLU A 156 -19.83 -9.39 -5.95
N GLU A 157 -20.04 -8.36 -5.12
CA GLU A 157 -20.44 -7.08 -5.70
C GLU A 157 -19.32 -6.47 -6.52
N CYS A 158 -18.07 -6.59 -6.06
CA CYS A 158 -16.95 -6.09 -6.85
C CYS A 158 -16.92 -6.73 -8.22
N GLN A 159 -17.15 -8.04 -8.29
CA GLN A 159 -17.09 -8.72 -9.57
C GLN A 159 -18.10 -8.13 -10.57
N LYS A 160 -19.28 -7.75 -10.09
CA LYS A 160 -20.28 -7.21 -11.01
C LYS A 160 -19.85 -5.87 -11.60
N ARG A 161 -19.11 -5.05 -10.85
CA ARG A 161 -18.69 -3.77 -11.39
C ARG A 161 -17.42 -3.88 -12.22
N TYR A 162 -16.70 -5.01 -12.09
CA TYR A 162 -15.56 -5.33 -12.94
C TYR A 162 -15.85 -6.59 -13.75
N ARG A 163 -16.97 -6.56 -14.45
CA ARG A 163 -17.22 -7.52 -15.53
C ARG A 163 -16.00 -7.56 -16.45
N GLY A 164 -15.65 -8.76 -16.92
CA GLY A 164 -14.48 -8.85 -17.77
C GLY A 164 -13.14 -8.76 -17.06
N HIS A 165 -13.13 -8.73 -15.73
CA HIS A 165 -11.96 -9.05 -14.95
C HIS A 165 -12.34 -10.15 -13.99
N LYS A 166 -11.47 -11.13 -13.83
CA LYS A 166 -11.62 -12.11 -12.76
C LYS A 166 -11.21 -11.47 -11.42
N ILE A 167 -12.17 -11.21 -10.54
CA ILE A 167 -11.90 -10.68 -9.20
C ILE A 167 -11.65 -11.87 -8.28
N THR A 168 -10.38 -12.19 -8.06
CA THR A 168 -10.06 -13.46 -7.43
C THR A 168 -10.30 -13.41 -5.92
N HIS A 169 -10.18 -14.58 -5.30
CA HIS A 169 -10.22 -14.69 -3.85
C HIS A 169 -9.14 -13.81 -3.20
N LYS A 170 -8.00 -13.66 -3.87
CA LYS A 170 -6.85 -12.93 -3.36
C LYS A 170 -6.87 -11.46 -3.69
N MET A 171 -8.04 -10.90 -4.00
CA MET A 171 -8.21 -9.46 -4.14
C MET A 171 -9.37 -9.05 -3.25
N ILE A 172 -9.39 -7.79 -2.88
CA ILE A 172 -10.50 -7.26 -2.08
C ILE A 172 -10.72 -5.83 -2.53
N CYS A 173 -11.98 -5.40 -2.48
CA CYS A 173 -12.37 -4.12 -3.07
C CYS A 173 -12.92 -3.18 -2.00
N ALA A 174 -12.81 -1.89 -2.27
CA ALA A 174 -13.29 -0.91 -1.30
C ALA A 174 -13.55 0.40 -2.02
N GLY A 175 -14.73 0.95 -1.80
CA GLY A 175 -15.11 2.20 -2.41
C GLY A 175 -16.55 2.53 -2.11
N TYR A 176 -16.93 3.77 -2.38
CA TYR A 176 -18.31 4.21 -2.25
C TYR A 176 -19.00 4.08 -3.61
N ARG A 177 -20.11 3.34 -3.67
CA ARG A 177 -20.87 3.29 -4.91
C ARG A 177 -21.13 4.69 -5.45
N GLU A 178 -21.31 5.66 -4.54
CA GLU A 178 -21.29 7.08 -4.87
C GLU A 178 -20.06 7.45 -5.71
N GLY A 179 -18.91 6.86 -5.40
CA GLY A 179 -17.64 7.36 -5.88
C GLY A 179 -17.06 8.28 -4.82
N GLY A 180 -16.23 9.25 -5.22
CA GLY A 180 -15.87 10.38 -4.37
C GLY A 180 -14.65 10.28 -3.46
N LYS A 181 -14.38 9.11 -2.94
CA LYS A 181 -13.19 8.89 -2.14
C LYS A 181 -12.51 7.61 -2.60
N ASP A 182 -11.18 7.69 -2.81
CA ASP A 182 -10.39 6.58 -3.29
C ASP A 182 -8.89 6.89 -3.28
N ALA A 183 -8.08 5.90 -3.65
CA ALA A 183 -6.69 6.16 -3.97
C ALA A 183 -6.60 6.80 -5.35
N CYS A 184 -5.42 7.33 -5.68
CA CYS A 184 -5.12 7.82 -7.02
C CYS A 184 -3.60 7.82 -7.20
N LYS A 185 -3.15 8.38 -8.33
CA LYS A 185 -1.75 8.22 -8.74
C LYS A 185 -0.79 8.65 -7.63
N GLY A 186 -0.02 7.69 -7.13
CA GLY A 186 0.95 7.93 -6.08
C GLY A 186 0.66 7.17 -4.80
N ASP A 187 -0.58 6.75 -4.60
CA ASP A 187 -0.94 6.03 -3.40
C ASP A 187 -0.69 4.54 -3.50
N SER A 188 -0.43 4.04 -4.71
CA SER A 188 -0.29 2.60 -4.93
C SER A 188 0.85 2.06 -4.09
N GLY A 189 0.74 0.77 -3.74
CA GLY A 189 1.59 0.17 -2.75
C GLY A 189 1.28 0.58 -1.34
N GLY A 190 0.51 1.65 -1.14
CA GLY A 190 0.15 2.09 0.18
C GLY A 190 -0.71 1.10 0.92
N PRO A 191 -0.84 1.27 2.22
CA PRO A 191 -1.68 0.36 3.01
C PRO A 191 -3.16 0.64 2.77
N LEU A 192 -3.96 -0.37 3.11
CA LEU A 192 -5.39 -0.24 3.34
C LEU A 192 -5.56 -0.84 4.72
N SER A 193 -5.76 0.01 5.73
CA SER A 193 -5.66 -0.39 7.13
C SER A 193 -7.04 -0.40 7.74
N CYS A 194 -7.34 -1.42 8.55
CA CYS A 194 -8.64 -1.53 9.18
C CYS A 194 -8.46 -1.67 10.68
N LYS A 195 -9.01 -0.71 11.43
CA LYS A 195 -9.06 -0.83 12.88
C LYS A 195 -10.13 -1.83 13.24
N HIS A 196 -9.82 -2.73 14.15
CA HIS A 196 -10.82 -3.65 14.65
C HIS A 196 -10.37 -4.12 16.01
N ASN A 197 -11.24 -3.97 17.01
CA ASN A 197 -11.09 -4.64 18.30
C ASN A 197 -9.80 -4.21 19.04
N GLU A 198 -9.44 -2.92 18.89
CA GLU A 198 -8.30 -2.23 19.52
C GLU A 198 -7.13 -2.04 18.55
N VAL A 199 -6.98 -2.93 17.57
CA VAL A 199 -5.74 -3.07 16.84
C VAL A 199 -5.95 -2.76 15.36
N TRP A 200 -4.89 -2.26 14.73
CA TRP A 200 -4.86 -2.04 13.30
C TRP A 200 -4.31 -3.24 12.55
N HIS A 201 -4.92 -3.56 11.42
CA HIS A 201 -4.47 -4.67 10.60
C HIS A 201 -4.31 -4.22 9.16
N LEU A 202 -3.33 -4.81 8.49
CA LEU A 202 -3.02 -4.49 7.11
C LEU A 202 -3.88 -5.39 6.23
N VAL A 203 -5.03 -4.87 5.80
CA VAL A 203 -5.98 -5.70 5.09
C VAL A 203 -5.72 -5.73 3.58
N GLY A 204 -5.29 -4.61 2.98
CA GLY A 204 -5.06 -4.57 1.56
C GLY A 204 -3.81 -3.80 1.18
N ILE A 205 -3.32 -4.09 -0.04
CA ILE A 205 -2.30 -3.26 -0.69
C ILE A 205 -2.96 -2.61 -1.89
N THR A 206 -2.93 -1.28 -1.92
CA THR A 206 -3.45 -0.54 -3.06
C THR A 206 -2.76 -0.95 -4.35
N SER A 207 -3.54 -1.53 -5.27
CA SER A 207 -2.99 -2.22 -6.42
C SER A 207 -3.52 -1.65 -7.74
N TRP A 208 -4.83 -1.70 -7.98
CA TRP A 208 -5.36 -1.15 -9.22
C TRP A 208 -6.80 -0.68 -9.01
N GLY A 209 -7.32 0.01 -10.02
CA GLY A 209 -8.72 0.38 -10.04
C GLY A 209 -9.08 1.19 -11.26
N GLU A 210 -10.34 1.13 -11.69
CA GLU A 210 -10.78 1.91 -12.84
C GLU A 210 -10.78 3.39 -12.49
N GLY A 211 -9.84 4.14 -13.07
CA GLY A 211 -9.77 5.56 -12.76
C GLY A 211 -9.49 5.79 -11.29
N CYS A 212 -10.14 6.81 -10.74
CA CYS A 212 -9.91 7.22 -9.36
C CYS A 212 -11.23 7.70 -8.77
N ALA A 213 -11.68 7.05 -7.69
CA ALA A 213 -12.90 7.44 -6.99
C ALA A 213 -14.08 7.52 -7.95
N GLN A 214 -14.06 6.66 -8.97
CA GLN A 214 -15.10 6.67 -9.95
C GLN A 214 -16.34 5.97 -9.41
N ARG A 215 -17.51 6.52 -9.75
CA ARG A 215 -18.81 5.90 -9.47
C ARG A 215 -18.75 4.41 -9.74
N GLU A 216 -19.30 3.62 -8.81
CA GLU A 216 -19.59 2.21 -9.08
C GLU A 216 -18.34 1.42 -9.49
N ARG A 217 -17.15 1.91 -9.13
CA ARG A 217 -15.88 1.31 -9.55
C ARG A 217 -14.93 1.35 -8.36
N PRO A 218 -15.13 0.49 -7.37
CA PRO A 218 -14.29 0.52 -6.18
C PRO A 218 -12.88 0.09 -6.50
N GLY A 219 -11.93 0.63 -5.74
CA GLY A 219 -10.55 0.21 -5.88
C GLY A 219 -10.35 -1.25 -5.55
N VAL A 220 -9.31 -1.83 -6.14
CA VAL A 220 -8.99 -3.24 -5.98
C VAL A 220 -7.65 -3.34 -5.25
N TYR A 221 -7.59 -4.23 -4.27
CA TYR A 221 -6.44 -4.31 -3.38
C TYR A 221 -6.04 -5.75 -3.27
N THR A 222 -4.74 -6.00 -3.18
CA THR A 222 -4.25 -7.30 -2.82
C THR A 222 -4.79 -7.67 -1.45
N ASN A 223 -5.43 -8.83 -1.35
CA ASN A 223 -6.03 -9.27 -0.09
C ASN A 223 -4.93 -9.92 0.74
N VAL A 224 -4.40 -9.17 1.72
CA VAL A 224 -3.13 -9.55 2.35
C VAL A 224 -3.24 -10.86 3.11
N VAL A 225 -4.43 -11.21 3.60
CA VAL A 225 -4.54 -12.45 4.37
C VAL A 225 -4.26 -13.66 3.48
N GLU A 226 -4.52 -13.55 2.19
CA GLU A 226 -4.21 -14.66 1.29
C GLU A 226 -2.72 -14.79 0.98
N TYR A 227 -1.88 -13.89 1.47
CA TYR A 227 -0.45 -13.95 1.21
C TYR A 227 0.39 -14.04 2.48
N VAL A 228 -0.23 -14.21 3.66
CA VAL A 228 0.49 -14.25 4.94
C VAL A 228 1.53 -15.36 4.94
N ASP A 229 1.13 -16.56 4.50
CA ASP A 229 2.09 -17.65 4.35
C ASP A 229 3.23 -17.26 3.44
N TRP A 230 2.90 -16.65 2.28
CA TRP A 230 3.94 -16.18 1.38
C TRP A 230 4.84 -15.17 2.07
N ILE A 231 4.26 -14.22 2.81
CA ILE A 231 5.05 -13.25 3.56
C ILE A 231 5.93 -13.96 4.58
N LEU A 232 5.34 -14.85 5.38
CA LEU A 232 6.13 -15.59 6.37
C LEU A 232 7.22 -16.43 5.72
N GLU A 233 6.98 -16.93 4.50
CA GLU A 233 8.03 -17.68 3.83
C GLU A 233 9.26 -16.81 3.62
N LYS A 234 9.07 -15.60 3.09
CA LYS A 234 10.21 -14.73 2.79
C LYS A 234 10.82 -14.07 4.02
N THR A 235 10.02 -13.73 5.04
CA THR A 235 10.57 -12.96 6.14
C THR A 235 11.11 -13.83 7.26
N GLN A 236 10.68 -15.09 7.34
CA GLN A 236 11.18 -16.00 8.37
C GLN A 236 12.17 -17.00 7.81
N ALA A 237 12.84 -16.67 6.71
CA ALA A 237 13.67 -17.65 6.04
C ALA A 237 14.85 -18.02 6.91
N VAL A 238 15.33 -19.25 6.73
CA VAL A 238 16.44 -19.72 7.57
C VAL A 238 17.80 -19.23 7.07
N GLU B 10 0.05 -7.52 20.68
CA GLU B 10 1.26 -7.29 19.91
C GLU B 10 1.37 -8.28 18.73
N CYS B 11 0.26 -8.38 17.98
CA CYS B 11 0.08 -9.19 16.78
C CYS B 11 0.09 -10.69 17.06
N THR B 12 -0.84 -11.42 16.43
CA THR B 12 -0.81 -12.88 16.47
C THR B 12 0.11 -13.44 15.38
N THR B 13 0.12 -12.81 14.21
CA THR B 13 1.05 -13.11 13.12
C THR B 13 2.21 -12.12 13.21
N LYS B 14 3.40 -12.59 13.57
CA LYS B 14 4.50 -11.64 13.63
C LYS B 14 5.79 -12.17 13.00
N ILE B 15 6.55 -11.20 12.48
CA ILE B 15 7.78 -11.37 11.73
C ILE B 15 8.95 -11.25 12.72
N LYS B 16 9.66 -12.36 12.97
CA LYS B 16 10.77 -12.32 13.93
C LYS B 16 11.93 -11.50 13.37
N PRO B 17 12.44 -10.51 14.14
CA PRO B 17 13.42 -9.48 13.74
C PRO B 17 14.73 -9.99 13.11
N THR C 1 -1.24 6.84 -18.62
CA THR C 1 -0.55 7.92 -19.27
C THR C 1 -1.29 8.65 -20.49
N CYS C 2 -2.72 8.39 -20.95
CA CYS C 2 -3.56 7.39 -20.33
C CYS C 2 -3.76 6.17 -21.27
N VAL C 3 -2.82 5.02 -21.09
CA VAL C 3 -2.95 3.82 -21.92
C VAL C 3 -3.86 2.83 -21.18
N ASN C 4 -3.75 2.71 -19.70
CA ASN C 4 -4.62 1.76 -19.06
C ASN C 4 -5.31 2.52 -17.92
N ILE C 5 -6.85 2.62 -17.93
CA ILE C 5 -7.43 3.37 -16.83
C ILE C 5 -7.37 2.51 -15.55
N MET C 6 -7.18 1.05 -15.69
CA MET C 6 -7.10 0.26 -14.51
C MET C 6 -5.80 0.66 -13.73
N CYS C 7 -4.80 1.55 -14.41
CA CYS C 7 -3.54 1.89 -13.69
C CYS C 7 -3.42 3.37 -13.37
N CYS C 8 -4.67 4.20 -13.39
CA CYS C 8 -4.54 5.64 -13.11
C CYS C 8 -3.87 5.88 -11.73
N ARG C 9 -4.12 4.95 -10.56
CA ARG C 9 -3.53 5.19 -9.24
C ARG C 9 -2.11 4.65 -9.13
N CYS C 10 -1.55 3.82 -10.24
CA CYS C 10 -0.15 3.32 -10.10
C CYS C 10 0.70 4.38 -10.65
N PRO C 11 2.21 4.31 -10.54
CA PRO C 11 3.06 5.27 -10.99
C PRO C 11 2.89 5.49 -12.50
NH3 LTN C 12 3.96 5.05 -13.44
CA LTN C 12 3.86 5.20 -14.86
CB LTN C 12 5.11 4.49 -15.43
CG LTN C 12 5.61 3.48 -14.34
CD2 LTN C 12 6.83 3.53 -13.61
CE2 LTN C 12 6.79 2.45 -12.75
CE3 LTN C 12 7.96 4.37 -13.61
CD1 LTN C 12 4.88 2.38 -13.87
NE1 LTN C 12 5.61 1.79 -12.94
CZ2 LTN C 12 7.88 2.18 -11.86
CZ3 LTN C 12 9.02 4.10 -12.74
CH2 LTN C 12 8.97 3.00 -11.85
C LTN C 12 2.59 4.48 -15.32
O LTN C 12 2.67 3.43 -15.85
N LTN C 12 1.24 5.07 -15.08
C ACN D . -4.25 7.29 -16.21
O ACN D . -3.25 7.70 -15.70
C1 ACN D . -5.64 7.75 -15.68
C2 ACN D . -4.17 6.26 -17.41
C ACN E . -1.09 -0.60 -12.44
O ACN E . -0.18 -0.13 -13.05
C1 ACN E . -2.38 -1.17 -13.14
C2 ACN E . -1.03 -0.58 -10.87
#